data_2WZT
#
_entry.id   2WZT
#
_cell.length_a   43.543
_cell.length_b   103.677
_cell.length_c   112.051
_cell.angle_alpha   90.00
_cell.angle_beta   90.00
_cell.angle_gamma   90.00
#
_symmetry.space_group_name_H-M   'P 21 21 21'
#
loop_
_entity.id
_entity.type
_entity.pdbx_description
1 polymer 'ALDO-KETO REDUCTASE'
2 water water
#
_entity_poly.entity_id   1
_entity_poly.type   'polypeptide(L)'
_entity_poly.pdbx_seq_one_letter_code
;MTASHGQAAAIPTVTLNDDNTLPVVGIGVGELSDSEAERSVSAALEAGYRLIDTAAAYGNEAAVGRAIAASGIPRDEIYV
TTKLATPDQGFTSSQAAARASLERLGLDYVDLYLIHWPGGDTSKYVDSWGGLMKVKEDGIARSIGVCNFGAEDLETIVSL
TYFTPAVNQIELHPLLNQAALREVNAGYNIVTEAYGPLGVGRLLDHPAVTAIAEAHGRTAAQVLLRWSIQLGNVVISRSA
NPERIASNLDVFGFELTADEMETLNGLDDGTRFRPDPATYTGS
;
_entity_poly.pdbx_strand_id   A,B
#
# COMPACT_ATOMS: atom_id res chain seq x y z
N ALA A 10 -12.48 25.55 0.06
CA ALA A 10 -11.05 25.92 -0.07
C ALA A 10 -10.17 24.80 0.42
N ILE A 11 -9.22 24.38 -0.43
CA ILE A 11 -8.22 23.39 -0.01
C ILE A 11 -6.90 24.10 0.35
N PRO A 12 -6.47 23.96 1.62
CA PRO A 12 -5.24 24.63 2.12
C PRO A 12 -4.00 24.17 1.37
N THR A 13 -2.97 25.01 1.36
CA THR A 13 -1.71 24.64 0.73
C THR A 13 -0.58 24.56 1.76
N VAL A 14 0.54 23.93 1.35
CA VAL A 14 1.82 24.04 2.07
C VAL A 14 2.72 24.96 1.27
N THR A 15 3.59 25.70 1.95
CA THR A 15 4.56 26.52 1.22
C THR A 15 5.90 25.79 1.22
N LEU A 16 6.39 25.51 0.01
CA LEU A 16 7.72 24.87 -0.19
C LEU A 16 8.91 25.80 0.06
N ASN A 17 10.08 25.19 0.28
CA ASN A 17 11.33 25.93 0.46
C ASN A 17 11.73 26.85 -0.73
N ASP A 18 11.16 26.60 -1.90
CA ASP A 18 11.39 27.44 -3.07
C ASP A 18 10.33 28.54 -3.27
N ASP A 19 9.50 28.72 -2.26
CA ASP A 19 8.33 29.64 -2.23
C ASP A 19 7.08 29.26 -3.03
N ASN A 20 7.15 28.19 -3.81
CA ASN A 20 5.96 27.65 -4.47
C ASN A 20 5.06 26.94 -3.43
N THR A 21 3.80 26.73 -3.80
CA THR A 21 2.79 26.13 -2.89
C THR A 21 2.15 24.93 -3.56
N LEU A 22 1.80 23.93 -2.75
CA LEU A 22 1.03 22.78 -3.23
C LEU A 22 -0.16 22.53 -2.32
N PRO A 23 -1.28 22.05 -2.89
CA PRO A 23 -2.43 21.64 -2.07
C PRO A 23 -1.98 20.54 -1.08
N VAL A 24 -2.64 20.45 0.08
CA VAL A 24 -2.23 19.45 1.10
C VAL A 24 -2.75 18.03 0.83
N VAL A 25 -3.64 17.91 -0.15
CA VAL A 25 -4.19 16.61 -0.59
C VAL A 25 -4.16 16.49 -2.11
N GLY A 26 -4.01 15.26 -2.58
CA GLY A 26 -3.83 14.95 -3.98
C GLY A 26 -4.26 13.52 -4.27
N ILE A 27 -4.37 13.18 -5.56
CA ILE A 27 -4.70 11.80 -5.92
C ILE A 27 -3.56 11.21 -6.73
N GLY A 28 -3.35 9.92 -6.53
CA GLY A 28 -2.33 9.17 -7.25
C GLY A 28 -2.92 8.16 -8.22
N VAL A 29 -2.20 7.92 -9.32
CA VAL A 29 -2.65 6.98 -10.36
C VAL A 29 -1.66 5.80 -10.56
N GLY A 30 -0.90 5.46 -9.52
CA GLY A 30 0.00 4.29 -9.62
C GLY A 30 -0.79 3.02 -9.93
N GLU A 31 -0.21 2.14 -10.76
CA GLU A 31 -0.83 0.85 -11.13
CA GLU A 31 -0.83 0.85 -11.11
C GLU A 31 -2.19 0.97 -11.82
N LEU A 32 -2.46 2.12 -12.42
CA LEU A 32 -3.66 2.23 -13.24
C LEU A 32 -3.34 2.11 -14.74
N SER A 33 -4.23 1.43 -15.46
CA SER A 33 -4.16 1.38 -16.92
C SER A 33 -4.49 2.77 -17.44
N ASP A 34 -4.21 3.02 -18.73
CA ASP A 34 -4.59 4.30 -19.37
C ASP A 34 -6.06 4.66 -19.19
N SER A 35 -6.93 3.67 -19.41
CA SER A 35 -8.36 3.84 -19.26
C SER A 35 -8.75 4.23 -17.83
N GLU A 36 -8.17 3.52 -16.86
CA GLU A 36 -8.42 3.74 -15.43
C GLU A 36 -7.90 5.10 -14.98
N ALA A 37 -6.67 5.41 -15.37
CA ALA A 37 -6.07 6.71 -15.02
C ALA A 37 -6.89 7.85 -15.57
N GLU A 38 -7.36 7.73 -16.82
CA GLU A 38 -8.11 8.86 -17.41
C GLU A 38 -9.42 9.05 -16.61
N ARG A 39 -10.14 7.94 -16.38
CA ARG A 39 -11.34 7.94 -15.55
C ARG A 39 -11.11 8.49 -14.14
N SER A 40 -10.07 8.04 -13.45
CA SER A 40 -9.79 8.49 -12.08
CA SER A 40 -9.78 8.49 -12.08
C SER A 40 -9.42 9.97 -12.00
N VAL A 41 -8.53 10.41 -12.87
CA VAL A 41 -8.16 11.84 -12.90
C VAL A 41 -9.37 12.71 -13.25
N SER A 42 -10.17 12.28 -14.23
CA SER A 42 -11.40 13.01 -14.58
C SER A 42 -12.33 13.14 -13.37
N ALA A 43 -12.60 12.01 -12.71
CA ALA A 43 -13.43 11.99 -11.48
C ALA A 43 -12.90 12.91 -10.37
N ALA A 44 -11.62 12.76 -10.03
CA ALA A 44 -10.97 13.57 -9.00
C ALA A 44 -11.04 15.07 -9.28
N LEU A 45 -10.77 15.48 -10.52
CA LEU A 45 -10.83 16.89 -10.89
C LEU A 45 -12.25 17.44 -10.77
N GLU A 46 -13.24 16.64 -11.18
CA GLU A 46 -14.63 17.10 -11.09
CA GLU A 46 -14.64 17.06 -11.09
C GLU A 46 -15.08 17.19 -9.62
N ALA A 47 -14.50 16.34 -8.76
CA ALA A 47 -14.79 16.38 -7.32
C ALA A 47 -14.08 17.52 -6.56
N GLY A 48 -13.04 18.12 -7.15
CA GLY A 48 -12.33 19.25 -6.53
C GLY A 48 -10.85 19.05 -6.25
N TYR A 49 -10.32 17.85 -6.48
CA TYR A 49 -8.87 17.64 -6.40
C TYR A 49 -8.17 18.43 -7.47
N ARG A 50 -7.01 18.98 -7.11
CA ARG A 50 -6.18 19.76 -8.04
C ARG A 50 -4.73 19.25 -8.13
N LEU A 51 -4.28 18.57 -7.09
CA LEU A 51 -2.98 17.93 -7.09
C LEU A 51 -3.06 16.47 -7.63
N ILE A 52 -2.34 16.21 -8.71
CA ILE A 52 -2.37 14.92 -9.41
CA ILE A 52 -2.38 14.91 -9.38
C ILE A 52 -0.98 14.30 -9.41
N ASP A 53 -0.86 13.08 -8.92
CA ASP A 53 0.46 12.45 -8.80
C ASP A 53 0.56 11.32 -9.81
N THR A 54 1.44 11.49 -10.79
CA THR A 54 1.72 10.44 -11.76
C THR A 54 3.26 10.23 -11.82
N ALA A 55 3.71 9.36 -12.73
CA ALA A 55 5.14 9.06 -12.86
C ALA A 55 5.38 8.48 -14.25
N ALA A 56 6.56 8.74 -14.82
CA ALA A 56 6.88 8.17 -16.13
C ALA A 56 6.81 6.63 -16.08
N ALA A 57 7.26 6.03 -14.96
CA ALA A 57 7.29 4.56 -14.83
C ALA A 57 5.90 3.95 -14.84
N TYR A 58 4.89 4.77 -14.54
CA TYR A 58 3.54 4.28 -14.53
C TYR A 58 3.03 4.02 -15.97
N GLY A 59 3.58 4.72 -16.96
CA GLY A 59 3.12 4.54 -18.35
C GLY A 59 1.79 5.18 -18.69
N ASN A 60 1.20 5.93 -17.76
CA ASN A 60 -0.12 6.55 -17.99
C ASN A 60 -0.10 8.07 -18.01
N GLU A 61 1.06 8.67 -18.27
CA GLU A 61 1.14 10.13 -18.34
C GLU A 61 0.21 10.75 -19.39
N ALA A 62 0.14 10.13 -20.56
CA ALA A 62 -0.70 10.65 -21.65
C ALA A 62 -2.18 10.63 -21.25
N ALA A 63 -2.62 9.54 -20.62
CA ALA A 63 -3.97 9.41 -20.07
C ALA A 63 -4.32 10.49 -19.04
N VAL A 64 -3.39 10.74 -18.12
CA VAL A 64 -3.51 11.79 -17.11
C VAL A 64 -3.66 13.15 -17.83
N GLY A 65 -2.79 13.40 -18.81
CA GLY A 65 -2.81 14.66 -19.55
C GLY A 65 -4.10 14.82 -20.33
N ARG A 66 -4.63 13.71 -20.85
CA ARG A 66 -5.91 13.77 -21.58
C ARG A 66 -7.04 14.21 -20.65
N ALA A 67 -7.03 13.70 -19.42
CA ALA A 67 -8.03 14.06 -18.42
C ALA A 67 -7.90 15.53 -17.99
N ILE A 68 -6.68 15.97 -17.72
CA ILE A 68 -6.41 17.39 -17.41
C ILE A 68 -6.94 18.30 -18.53
N ALA A 69 -6.55 18.03 -19.79
CA ALA A 69 -7.03 18.82 -20.92
C ALA A 69 -8.56 18.83 -21.03
N ALA A 70 -9.17 17.64 -20.93
CA ALA A 70 -10.60 17.45 -21.10
C ALA A 70 -11.44 18.25 -20.08
N SER A 71 -10.87 18.50 -18.91
CA SER A 71 -11.61 19.11 -17.78
C SER A 71 -12.05 20.55 -18.03
N GLY A 72 -11.31 21.30 -18.86
CA GLY A 72 -11.58 22.73 -19.01
C GLY A 72 -11.17 23.59 -17.82
N ILE A 73 -10.56 22.99 -16.79
CA ILE A 73 -10.10 23.73 -15.61
C ILE A 73 -8.85 24.53 -15.99
N PRO A 74 -8.77 25.83 -15.61
CA PRO A 74 -7.54 26.57 -15.94
C PRO A 74 -6.25 25.86 -15.44
N ARG A 75 -5.25 25.76 -16.32
CA ARG A 75 -3.99 25.13 -16.00
C ARG A 75 -3.41 25.59 -14.67
N ASP A 76 -3.49 26.89 -14.40
CA ASP A 76 -2.85 27.47 -13.22
C ASP A 76 -3.53 27.10 -11.90
N GLU A 77 -4.68 26.45 -11.97
CA GLU A 77 -5.38 25.91 -10.79
C GLU A 77 -5.06 24.42 -10.51
N ILE A 78 -4.33 23.80 -11.44
CA ILE A 78 -4.00 22.38 -11.35
C ILE A 78 -2.50 22.25 -11.03
N TYR A 79 -2.20 21.28 -10.18
CA TYR A 79 -0.81 21.02 -9.74
C TYR A 79 -0.44 19.61 -10.19
N VAL A 80 0.39 19.52 -11.22
CA VAL A 80 0.76 18.24 -11.80
C VAL A 80 2.11 17.83 -11.28
N THR A 81 2.16 16.62 -10.73
CA THR A 81 3.41 15.99 -10.31
C THR A 81 3.68 14.81 -11.23
N THR A 82 4.90 14.72 -11.73
CA THR A 82 5.38 13.48 -12.33
C THR A 82 6.83 13.24 -11.92
N LYS A 83 7.40 12.12 -12.40
CA LYS A 83 8.63 11.57 -11.86
C LYS A 83 9.53 10.99 -12.94
N LEU A 84 10.82 11.16 -12.72
CA LEU A 84 11.87 10.59 -13.56
C LEU A 84 11.88 9.07 -13.39
N ALA A 85 11.71 8.34 -14.48
CA ALA A 85 11.79 6.89 -14.42
C ALA A 85 13.25 6.49 -14.19
N THR A 86 13.47 5.43 -13.42
CA THR A 86 14.84 5.00 -13.06
C THR A 86 15.75 4.72 -14.27
N PRO A 87 15.22 4.06 -15.35
CA PRO A 87 16.03 3.89 -16.56
C PRO A 87 16.55 5.18 -17.20
N ASP A 88 15.90 6.32 -16.91
CA ASP A 88 16.31 7.61 -17.47
C ASP A 88 17.23 8.43 -16.59
N GLN A 89 17.68 7.86 -15.48
CA GLN A 89 18.53 8.64 -14.58
C GLN A 89 19.83 9.10 -15.23
N GLY A 90 20.25 10.31 -14.85
CA GLY A 90 21.53 10.88 -15.25
C GLY A 90 21.39 12.39 -15.40
N PHE A 91 22.50 13.07 -15.59
CA PHE A 91 22.46 14.53 -15.69
C PHE A 91 21.83 15.00 -17.01
N THR A 92 22.36 14.53 -18.13
CA THR A 92 21.86 14.85 -19.44
C THR A 92 20.53 14.15 -19.71
N SER A 93 20.41 12.87 -19.35
CA SER A 93 19.22 12.10 -19.73
C SER A 93 17.97 12.55 -18.94
N SER A 94 18.15 12.96 -17.69
CA SER A 94 16.99 13.44 -16.89
C SER A 94 16.34 14.72 -17.49
N GLN A 95 17.15 15.56 -18.11
CA GLN A 95 16.63 16.78 -18.72
C GLN A 95 15.78 16.44 -19.97
N ALA A 96 16.25 15.47 -20.76
CA ALA A 96 15.49 14.93 -21.91
C ALA A 96 14.21 14.26 -21.40
N ALA A 97 14.33 13.49 -20.32
CA ALA A 97 13.17 12.75 -19.77
C ALA A 97 12.05 13.68 -19.29
N ALA A 98 12.42 14.75 -18.57
CA ALA A 98 11.46 15.77 -18.14
C ALA A 98 10.66 16.26 -19.38
N ARG A 99 11.36 16.52 -20.49
CA ARG A 99 10.71 17.06 -21.67
C ARG A 99 9.82 16.03 -22.36
N ALA A 100 10.27 14.78 -22.38
CA ALA A 100 9.48 13.67 -22.92
C ALA A 100 8.20 13.49 -22.10
N SER A 101 8.30 13.63 -20.77
CA SER A 101 7.09 13.62 -19.90
C SER A 101 6.10 14.74 -20.27
N LEU A 102 6.60 15.97 -20.42
CA LEU A 102 5.77 17.11 -20.86
C LEU A 102 5.02 16.84 -22.17
N GLU A 103 5.72 16.20 -23.09
CA GLU A 103 5.16 15.90 -24.38
C GLU A 103 4.04 14.87 -24.22
N ARG A 104 4.27 13.85 -23.39
CA ARG A 104 3.21 12.86 -23.13
C ARG A 104 2.01 13.49 -22.39
N LEU A 105 2.33 14.31 -21.39
CA LEU A 105 1.32 15.02 -20.61
C LEU A 105 0.56 16.08 -21.40
N GLY A 106 1.13 16.50 -22.54
CA GLY A 106 0.55 17.57 -23.34
C GLY A 106 0.64 18.89 -22.59
N LEU A 107 1.69 19.06 -21.78
CA LEU A 107 1.86 20.28 -20.96
C LEU A 107 3.10 21.10 -21.29
N ASP A 108 3.07 22.39 -20.97
CA ASP A 108 4.27 23.25 -21.05
C ASP A 108 5.16 23.26 -19.81
N TYR A 109 4.61 22.85 -18.67
CA TYR A 109 5.42 22.73 -17.45
C TYR A 109 4.74 21.73 -16.53
N VAL A 110 5.48 21.22 -15.55
CA VAL A 110 4.86 20.50 -14.44
C VAL A 110 5.12 21.29 -13.17
N ASP A 111 4.25 21.11 -12.18
CA ASP A 111 4.38 21.81 -10.93
C ASP A 111 5.44 21.20 -10.00
N LEU A 112 5.55 19.88 -10.06
CA LEU A 112 6.50 19.15 -9.24
C LEU A 112 7.06 17.97 -10.04
N TYR A 113 8.39 17.88 -10.04
CA TYR A 113 9.08 16.81 -10.75
C TYR A 113 10.08 16.10 -9.83
N LEU A 114 9.95 14.77 -9.73
CA LEU A 114 10.69 14.03 -8.70
C LEU A 114 11.59 12.93 -9.21
N ILE A 115 12.74 12.73 -8.54
CA ILE A 115 13.49 11.50 -8.70
C ILE A 115 12.69 10.40 -8.02
N HIS A 116 12.51 9.29 -8.71
CA HIS A 116 11.65 8.24 -8.17
C HIS A 116 12.35 7.42 -7.05
N TRP A 117 13.63 7.14 -7.23
CA TRP A 117 14.42 6.36 -6.27
C TRP A 117 15.87 6.80 -6.27
N PRO A 118 16.52 6.80 -5.09
CA PRO A 118 17.96 7.06 -5.09
C PRO A 118 18.74 5.91 -5.77
N GLY A 119 18.60 4.68 -5.29
CA GLY A 119 19.40 3.59 -5.89
C GLY A 119 20.84 3.51 -5.37
N GLY A 120 21.45 2.34 -5.54
CA GLY A 120 22.80 2.10 -5.02
C GLY A 120 23.90 2.89 -5.74
N ASP A 121 23.65 3.22 -7.00
CA ASP A 121 24.57 4.07 -7.77
C ASP A 121 24.37 5.54 -7.36
N THR A 122 25.19 6.00 -6.42
CA THR A 122 25.08 7.36 -5.87
CA THR A 122 25.11 7.35 -5.87
C THR A 122 25.37 8.42 -6.94
N SER A 123 26.39 8.17 -7.79
CA SER A 123 26.72 9.10 -8.87
C SER A 123 25.50 9.36 -9.76
N LYS A 124 24.74 8.30 -10.06
CA LYS A 124 23.55 8.36 -10.88
C LYS A 124 22.48 9.31 -10.30
N TYR A 125 22.17 9.17 -9.01
CA TYR A 125 21.15 10.06 -8.46
C TYR A 125 21.66 11.48 -8.23
N VAL A 126 22.96 11.65 -8.01
CA VAL A 126 23.53 12.99 -7.81
C VAL A 126 23.46 13.76 -9.15
N ASP A 127 23.79 13.04 -10.22
CA ASP A 127 23.71 13.57 -11.56
C ASP A 127 22.26 13.85 -11.97
N SER A 128 21.35 12.90 -11.69
CA SER A 128 19.91 13.14 -11.86
C SER A 128 19.50 14.43 -11.19
N TRP A 129 19.92 14.62 -9.93
CA TRP A 129 19.58 15.84 -9.19
C TRP A 129 20.08 17.12 -9.85
N GLY A 130 21.34 17.13 -10.31
CA GLY A 130 21.89 18.23 -11.08
C GLY A 130 21.07 18.53 -12.34
N GLY A 131 20.60 17.48 -12.99
CA GLY A 131 19.76 17.62 -14.21
C GLY A 131 18.43 18.28 -13.91
N LEU A 132 17.81 17.85 -12.81
CA LEU A 132 16.53 18.41 -12.33
C LEU A 132 16.67 19.87 -11.93
N MET A 133 17.81 20.23 -11.37
CA MET A 133 18.12 21.64 -11.11
C MET A 133 18.04 22.48 -12.39
N LYS A 134 18.58 21.95 -13.49
CA LYS A 134 18.46 22.60 -14.79
C LYS A 134 17.00 22.60 -15.31
N VAL A 135 16.30 21.51 -15.09
CA VAL A 135 14.88 21.41 -15.44
C VAL A 135 14.09 22.53 -14.76
N LYS A 136 14.36 22.75 -13.47
CA LYS A 136 13.75 23.86 -12.73
C LYS A 136 14.21 25.24 -13.25
N GLU A 137 15.51 25.42 -13.44
CA GLU A 137 16.06 26.64 -14.05
C GLU A 137 15.41 26.98 -15.41
N ASP A 138 15.21 25.95 -16.22
CA ASP A 138 14.57 26.11 -17.53
C ASP A 138 13.06 26.38 -17.45
N GLY A 139 12.43 26.28 -16.29
CA GLY A 139 10.97 26.50 -16.16
C GLY A 139 10.11 25.30 -16.55
N ILE A 140 10.78 24.19 -16.80
CA ILE A 140 10.09 22.95 -17.18
CA ILE A 140 10.13 22.92 -17.18
C ILE A 140 9.35 22.33 -15.99
N ALA A 141 9.93 22.49 -14.79
CA ALA A 141 9.26 22.14 -13.50
C ALA A 141 9.33 23.33 -12.57
N ARG A 142 8.22 23.65 -11.90
CA ARG A 142 8.18 24.79 -10.95
C ARG A 142 9.00 24.42 -9.72
N SER A 143 8.90 23.16 -9.29
CA SER A 143 9.62 22.67 -8.11
C SER A 143 10.16 21.27 -8.38
N ILE A 144 11.26 20.95 -7.71
CA ILE A 144 11.87 19.63 -7.86
C ILE A 144 12.01 18.93 -6.51
N GLY A 145 11.92 17.60 -6.52
CA GLY A 145 12.11 16.87 -5.28
C GLY A 145 12.48 15.41 -5.50
N VAL A 146 12.30 14.63 -4.45
CA VAL A 146 12.69 13.23 -4.49
C VAL A 146 11.63 12.34 -3.85
N CYS A 147 11.75 11.04 -4.08
CA CYS A 147 10.95 10.04 -3.38
C CYS A 147 11.89 9.10 -2.70
N ASN A 148 11.54 8.71 -1.47
CA ASN A 148 12.24 7.63 -0.78
C ASN A 148 13.74 7.88 -0.61
N PHE A 149 14.11 9.14 -0.34
CA PHE A 149 15.48 9.45 0.00
C PHE A 149 15.58 9.34 1.53
N GLY A 150 16.58 8.60 2.00
CA GLY A 150 16.88 8.58 3.43
C GLY A 150 17.80 9.76 3.79
N ALA A 151 18.19 9.87 5.07
CA ALA A 151 19.11 10.92 5.51
C ALA A 151 20.44 10.95 4.75
N GLU A 152 21.04 9.78 4.52
CA GLU A 152 22.31 9.73 3.80
C GLU A 152 22.15 10.18 2.34
N ASP A 153 21.04 9.79 1.71
CA ASP A 153 20.76 10.17 0.33
C ASP A 153 20.62 11.70 0.25
N LEU A 154 19.89 12.28 1.20
CA LEU A 154 19.66 13.72 1.22
C LEU A 154 20.95 14.50 1.48
N GLU A 155 21.75 14.03 2.46
CA GLU A 155 23.02 14.66 2.77
C GLU A 155 23.91 14.61 1.50
N THR A 156 23.89 13.50 0.76
CA THR A 156 24.74 13.37 -0.44
C THR A 156 24.38 14.41 -1.50
N ILE A 157 23.10 14.52 -1.83
CA ILE A 157 22.69 15.51 -2.84
C ILE A 157 22.85 16.96 -2.38
N VAL A 158 22.49 17.26 -1.14
CA VAL A 158 22.66 18.63 -0.62
C VAL A 158 24.12 19.02 -0.47
N SER A 159 24.95 18.10 0.03
CA SER A 159 26.39 18.40 0.15
C SER A 159 27.09 18.59 -1.21
N LEU A 160 26.71 17.80 -2.21
CA LEU A 160 27.39 17.84 -3.53
C LEU A 160 26.83 18.84 -4.55
N THR A 161 25.56 19.21 -4.39
CA THR A 161 24.87 20.08 -5.36
C THR A 161 24.46 21.42 -4.77
N TYR A 162 24.42 21.51 -3.44
CA TYR A 162 23.98 22.69 -2.66
C TYR A 162 22.52 23.10 -2.87
N PHE A 163 21.72 22.20 -3.45
CA PHE A 163 20.34 22.51 -3.72
C PHE A 163 19.43 21.51 -3.03
N THR A 164 18.53 22.03 -2.19
CA THR A 164 17.72 21.15 -1.36
C THR A 164 16.40 20.81 -2.04
N PRO A 165 16.02 19.52 -2.05
CA PRO A 165 14.66 19.16 -2.50
C PRO A 165 13.49 19.93 -1.83
N ALA A 166 12.42 20.14 -2.59
CA ALA A 166 11.22 20.79 -2.06
C ALA A 166 10.40 19.76 -1.29
N VAL A 167 10.42 18.52 -1.80
CA VAL A 167 9.53 17.46 -1.30
C VAL A 167 10.34 16.16 -1.23
N ASN A 168 10.00 15.34 -0.23
CA ASN A 168 10.48 13.94 -0.13
C ASN A 168 9.23 13.08 0.08
N GLN A 169 8.88 12.33 -0.96
CA GLN A 169 7.68 11.50 -1.00
C GLN A 169 7.96 10.05 -0.55
N ILE A 170 7.23 9.60 0.46
CA ILE A 170 7.47 8.28 1.07
C ILE A 170 6.15 7.64 1.50
N GLU A 171 6.16 6.31 1.67
CA GLU A 171 5.01 5.63 2.24
C GLU A 171 4.86 6.06 3.70
N LEU A 172 3.65 6.40 4.13
CA LEU A 172 3.43 6.91 5.49
C LEU A 172 1.98 6.72 5.92
N HIS A 173 1.79 5.98 7.01
CA HIS A 173 0.47 5.76 7.59
C HIS A 173 0.74 5.46 9.08
N PRO A 174 -0.32 5.37 9.92
CA PRO A 174 -0.02 5.18 11.37
C PRO A 174 0.70 3.90 11.81
N LEU A 175 0.77 2.88 10.94
CA LEU A 175 1.63 1.73 11.20
C LEU A 175 3.04 1.87 10.64
N LEU A 176 3.33 3.05 10.04
CA LEU A 176 4.61 3.37 9.43
C LEU A 176 4.66 4.91 9.36
N ASN A 177 4.79 5.53 10.53
CA ASN A 177 4.51 6.95 10.64
C ASN A 177 5.67 7.83 10.21
N GLN A 178 6.84 7.20 9.98
CA GLN A 178 8.04 7.92 9.50
C GLN A 178 8.42 9.13 10.36
N ALA A 179 8.22 9.03 11.69
CA ALA A 179 8.55 10.14 12.58
C ALA A 179 10.01 10.56 12.38
N ALA A 180 10.91 9.59 12.27
CA ALA A 180 12.33 9.93 12.12
C ALA A 180 12.61 10.66 10.81
N LEU A 181 12.11 10.13 9.69
CA LEU A 181 12.36 10.73 8.38
C LEU A 181 11.70 12.09 8.27
N ARG A 182 10.56 12.26 8.92
CA ARG A 182 9.90 13.57 8.98
C ARG A 182 10.73 14.58 9.71
N GLU A 183 11.40 14.13 10.79
CA GLU A 183 12.38 14.98 11.48
C GLU A 183 13.58 15.37 10.59
N VAL A 184 14.10 14.40 9.84
CA VAL A 184 15.20 14.63 8.89
C VAL A 184 14.73 15.68 7.86
N ASN A 185 13.60 15.41 7.23
CA ASN A 185 13.01 16.34 6.25
C ASN A 185 12.86 17.78 6.78
N ALA A 186 12.29 17.92 7.98
CA ALA A 186 12.03 19.23 8.58
C ALA A 186 13.33 20.00 8.80
N GLY A 187 14.37 19.27 9.20
CA GLY A 187 15.71 19.83 9.38
C GLY A 187 16.24 20.48 8.11
N TYR A 188 15.90 19.93 6.94
CA TYR A 188 16.25 20.53 5.65
C TYR A 188 15.19 21.48 5.07
N ASN A 189 14.07 21.70 5.79
CA ASN A 189 12.92 22.45 5.25
C ASN A 189 12.33 21.78 3.98
N ILE A 190 12.32 20.46 3.98
CA ILE A 190 11.74 19.60 2.95
C ILE A 190 10.35 19.20 3.43
N VAL A 191 9.37 19.36 2.56
CA VAL A 191 8.01 18.93 2.89
C VAL A 191 7.90 17.40 2.70
N THR A 192 7.30 16.73 3.68
CA THR A 192 7.04 15.28 3.57
C THR A 192 5.75 15.07 2.81
N GLU A 193 5.82 14.30 1.73
CA GLU A 193 4.62 13.90 1.01
C GLU A 193 4.33 12.39 1.25
N ALA A 194 3.16 12.10 1.82
CA ALA A 194 2.80 10.70 2.18
C ALA A 194 2.01 10.00 1.08
N TYR A 195 2.30 8.71 0.87
CA TYR A 195 1.45 7.87 0.05
C TYR A 195 1.17 6.56 0.78
N GLY A 196 0.21 5.78 0.28
CA GLY A 196 -0.33 4.63 1.02
C GLY A 196 -0.90 5.00 2.41
N PRO A 197 -1.70 6.10 2.52
CA PRO A 197 -2.18 6.56 3.81
C PRO A 197 -3.12 5.60 4.55
N LEU A 198 -3.63 4.58 3.85
CA LEU A 198 -4.59 3.66 4.46
C LEU A 198 -3.95 2.33 4.84
N GLY A 199 -2.65 2.19 4.62
CA GLY A 199 -1.93 0.96 4.95
C GLY A 199 -2.47 -0.28 4.24
N VAL A 200 -2.55 -0.19 2.90
CA VAL A 200 -3.08 -1.26 2.04
C VAL A 200 -4.50 -1.62 2.45
N GLY A 201 -5.20 -0.61 2.95
CA GLY A 201 -6.61 -0.76 3.34
C GLY A 201 -6.90 -1.21 4.76
N ARG A 202 -5.91 -1.82 5.43
CA ARG A 202 -6.14 -2.45 6.74
C ARG A 202 -6.49 -1.45 7.86
N LEU A 203 -5.92 -0.24 7.78
CA LEU A 203 -6.11 0.78 8.81
CA LEU A 203 -6.12 0.77 8.81
C LEU A 203 -7.56 1.28 8.88
N LEU A 204 -8.32 1.05 7.80
CA LEU A 204 -9.75 1.34 7.77
C LEU A 204 -10.53 0.66 8.89
N ASP A 205 -10.01 -0.46 9.40
CA ASP A 205 -10.68 -1.23 10.45
C ASP A 205 -9.88 -1.21 11.78
N HIS A 206 -8.87 -0.36 11.86
CA HIS A 206 -8.08 -0.30 13.09
C HIS A 206 -8.96 0.31 14.21
N PRO A 207 -8.99 -0.32 15.41
CA PRO A 207 -9.91 0.08 16.49
C PRO A 207 -9.71 1.51 16.96
N ALA A 208 -8.48 1.99 16.90
CA ALA A 208 -8.22 3.35 17.34
C ALA A 208 -8.74 4.35 16.32
N VAL A 209 -8.56 4.05 15.01
CA VAL A 209 -9.11 4.87 13.92
C VAL A 209 -10.63 4.94 13.99
N THR A 210 -11.26 3.77 14.16
CA THR A 210 -12.71 3.68 14.21
C THR A 210 -13.30 4.41 15.42
N ALA A 211 -12.66 4.32 16.58
CA ALA A 211 -13.12 5.08 17.74
C ALA A 211 -13.08 6.59 17.46
N ILE A 212 -11.98 7.05 16.86
CA ILE A 212 -11.82 8.50 16.58
C ILE A 212 -12.79 8.96 15.47
N ALA A 213 -13.00 8.10 14.47
CA ALA A 213 -13.97 8.35 13.37
C ALA A 213 -15.38 8.53 13.95
N GLU A 214 -15.71 7.66 14.91
CA GLU A 214 -16.99 7.72 15.61
CA GLU A 214 -17.01 7.75 15.53
C GLU A 214 -17.12 8.99 16.43
N ALA A 215 -16.03 9.42 17.07
CA ALA A 215 -16.05 10.61 17.92
C ALA A 215 -16.39 11.85 17.08
N HIS A 216 -15.98 11.81 15.82
CA HIS A 216 -16.14 12.94 14.92
C HIS A 216 -17.35 12.83 13.97
N GLY A 217 -17.96 11.64 13.90
CA GLY A 217 -18.95 11.37 12.84
C GLY A 217 -18.30 11.52 11.46
N ARG A 218 -17.06 11.04 11.34
CA ARG A 218 -16.33 11.01 10.07
C ARG A 218 -16.04 9.55 9.68
N THR A 219 -15.59 9.31 8.44
CA THR A 219 -15.20 7.97 8.01
C THR A 219 -13.79 7.68 8.51
N ALA A 220 -13.44 6.39 8.59
CA ALA A 220 -12.08 5.99 8.93
C ALA A 220 -11.03 6.60 8.00
N ALA A 221 -11.33 6.64 6.69
CA ALA A 221 -10.38 7.17 5.71
C ALA A 221 -10.17 8.68 5.97
N GLN A 222 -11.24 9.39 6.30
CA GLN A 222 -11.17 10.82 6.57
C GLN A 222 -10.29 11.11 7.78
N VAL A 223 -10.43 10.31 8.83
CA VAL A 223 -9.57 10.40 10.00
C VAL A 223 -8.09 10.13 9.63
N LEU A 224 -7.87 9.09 8.82
CA LEU A 224 -6.49 8.71 8.42
C LEU A 224 -5.79 9.82 7.63
N LEU A 225 -6.54 10.47 6.75
CA LEU A 225 -6.01 11.56 5.92
C LEU A 225 -5.84 12.82 6.74
N ARG A 226 -6.80 13.09 7.63
CA ARG A 226 -6.71 14.25 8.50
C ARG A 226 -5.47 14.20 9.41
N TRP A 227 -5.20 13.02 9.96
CA TRP A 227 -4.02 12.79 10.81
C TRP A 227 -2.74 13.14 10.06
N SER A 228 -2.62 12.60 8.84
CA SER A 228 -1.46 12.88 7.99
C SER A 228 -1.33 14.38 7.70
N ILE A 229 -2.45 15.05 7.41
CA ILE A 229 -2.44 16.51 7.18
C ILE A 229 -1.93 17.27 8.41
N GLN A 230 -2.40 16.87 9.59
CA GLN A 230 -2.04 17.56 10.82
C GLN A 230 -0.57 17.32 11.20
N LEU A 231 0.02 16.26 10.68
CA LEU A 231 1.49 16.07 10.77
C LEU A 231 2.30 17.02 9.87
N GLY A 232 1.62 17.81 9.02
CA GLY A 232 2.34 18.72 8.11
C GLY A 232 2.60 18.13 6.72
N ASN A 233 2.15 16.89 6.50
CA ASN A 233 2.32 16.22 5.20
C ASN A 233 1.38 16.75 4.10
N VAL A 234 1.84 16.64 2.86
CA VAL A 234 0.98 16.55 1.67
C VAL A 234 0.58 15.07 1.56
N VAL A 235 -0.71 14.76 1.40
CA VAL A 235 -1.14 13.35 1.46
C VAL A 235 -1.81 12.93 0.14
N ILE A 236 -1.26 11.91 -0.51
CA ILE A 236 -1.80 11.41 -1.76
C ILE A 236 -2.65 10.17 -1.52
N SER A 237 -3.89 10.21 -1.99
CA SER A 237 -4.77 9.04 -1.89
C SER A 237 -4.65 8.24 -3.16
N ARG A 238 -4.58 6.91 -3.03
CA ARG A 238 -4.66 5.99 -4.17
C ARG A 238 -6.02 6.19 -4.84
N SER A 239 -6.06 6.01 -6.14
CA SER A 239 -7.31 6.23 -6.87
C SER A 239 -8.43 5.27 -6.45
N ALA A 240 -9.60 5.86 -6.16
CA ALA A 240 -10.80 5.11 -5.74
C ALA A 240 -12.02 5.51 -6.55
N ASN A 241 -13.17 4.91 -6.23
CA ASN A 241 -14.48 5.26 -6.84
C ASN A 241 -14.85 6.75 -6.64
N PRO A 242 -15.60 7.34 -7.59
CA PRO A 242 -16.10 8.72 -7.44
C PRO A 242 -16.74 9.07 -6.10
N GLU A 243 -17.50 8.14 -5.51
CA GLU A 243 -18.12 8.37 -4.20
C GLU A 243 -17.05 8.51 -3.09
N ARG A 244 -16.13 7.53 -3.01
CA ARG A 244 -15.03 7.54 -2.04
C ARG A 244 -14.10 8.75 -2.17
N ILE A 245 -13.75 9.10 -3.39
CA ILE A 245 -12.80 10.19 -3.56
C ILE A 245 -13.39 11.54 -3.15
N ALA A 246 -14.70 11.73 -3.38
CA ALA A 246 -15.38 12.94 -2.94
C ALA A 246 -15.44 13.00 -1.42
N SER A 247 -15.60 11.84 -0.79
CA SER A 247 -15.61 11.75 0.67
C SER A 247 -14.24 12.04 1.26
N ASN A 248 -13.21 11.44 0.65
CA ASN A 248 -11.83 11.61 1.09
C ASN A 248 -11.35 13.04 0.99
N LEU A 249 -12.01 13.83 0.14
CA LEU A 249 -11.60 15.22 -0.04
C LEU A 249 -12.16 16.12 1.06
N ASP A 250 -13.20 15.62 1.72
CA ASP A 250 -13.95 16.38 2.73
C ASP A 250 -13.35 16.16 4.11
N VAL A 251 -12.16 16.72 4.31
CA VAL A 251 -11.34 16.49 5.49
C VAL A 251 -10.89 17.83 6.08
N PHE A 252 -11.61 18.90 5.74
CA PHE A 252 -11.27 20.25 6.23
C PHE A 252 -12.37 20.92 7.09
N GLY A 253 -13.37 20.15 7.48
CA GLY A 253 -14.43 20.65 8.35
C GLY A 253 -14.34 20.08 9.75
N PHE A 254 -13.20 19.49 10.09
CA PHE A 254 -12.98 18.96 11.44
C PHE A 254 -11.50 18.91 11.74
N GLU A 255 -11.19 18.70 13.02
CA GLU A 255 -9.82 18.73 13.50
C GLU A 255 -9.63 17.65 14.54
N LEU A 256 -8.57 16.87 14.43
CA LEU A 256 -8.25 15.89 15.48
C LEU A 256 -7.61 16.62 16.66
N THR A 257 -8.05 16.25 17.87
CA THR A 257 -7.53 16.84 19.09
C THR A 257 -6.10 16.36 19.31
N ALA A 258 -5.39 16.98 20.24
CA ALA A 258 -4.03 16.54 20.59
C ALA A 258 -4.06 15.10 21.13
N ASP A 259 -5.06 14.76 21.94
CA ASP A 259 -5.18 13.38 22.43
C ASP A 259 -5.36 12.36 21.29
N GLU A 260 -6.24 12.70 20.34
CA GLU A 260 -6.47 11.85 19.15
C GLU A 260 -5.20 11.71 18.32
N MET A 261 -4.47 12.81 18.14
CA MET A 261 -3.17 12.75 17.46
C MET A 261 -2.19 11.82 18.19
N GLU A 262 -2.15 11.94 19.51
CA GLU A 262 -1.26 11.16 20.35
C GLU A 262 -1.57 9.66 20.18
N THR A 263 -2.86 9.32 20.24
CA THR A 263 -3.31 7.93 20.04
C THR A 263 -2.84 7.37 18.67
N LEU A 264 -3.05 8.14 17.62
CA LEU A 264 -2.69 7.68 16.27
C LEU A 264 -1.16 7.64 16.06
N ASN A 265 -0.46 8.56 16.73
CA ASN A 265 1.00 8.57 16.78
C ASN A 265 1.62 7.37 17.53
N GLY A 266 0.87 6.78 18.44
CA GLY A 266 1.40 5.67 19.28
C GLY A 266 1.27 4.29 18.63
N LEU A 267 0.63 4.23 17.46
CA LEU A 267 0.36 2.96 16.81
C LEU A 267 1.61 2.32 16.20
N ASP A 268 2.54 3.14 15.75
CA ASP A 268 3.79 2.62 15.20
C ASP A 268 4.83 2.62 16.32
N ASP A 269 5.23 1.42 16.75
CA ASP A 269 6.13 1.31 17.90
C ASP A 269 7.35 0.44 17.60
N ILE B 11 0.63 -25.54 -7.59
CA ILE B 11 1.50 -24.51 -6.93
C ILE B 11 1.88 -24.89 -5.47
N PRO B 12 3.10 -24.51 -5.03
CA PRO B 12 3.67 -24.91 -3.74
C PRO B 12 2.88 -24.44 -2.51
N THR B 13 2.94 -25.24 -1.46
CA THR B 13 2.25 -24.96 -0.21
C THR B 13 3.24 -24.73 0.92
N VAL B 14 2.73 -24.18 2.02
CA VAL B 14 3.44 -24.16 3.27
C VAL B 14 2.60 -25.00 4.21
N THR B 15 3.24 -25.69 5.14
CA THR B 15 2.54 -26.46 6.13
C THR B 15 2.47 -25.65 7.42
N LEU B 16 1.26 -25.39 7.88
CA LEU B 16 1.04 -24.65 9.13
C LEU B 16 1.27 -25.52 10.39
N ASN B 17 1.41 -24.86 11.54
CA ASN B 17 1.67 -25.55 12.82
C ASN B 17 0.51 -26.46 13.29
N ASP B 18 -0.66 -26.37 12.64
CA ASP B 18 -1.76 -27.28 12.93
C ASP B 18 -1.88 -28.41 11.86
N ASP B 19 -0.85 -28.54 11.04
CA ASP B 19 -0.75 -29.55 9.96
C ASP B 19 -1.56 -29.28 8.70
N ASN B 20 -2.35 -28.20 8.70
CA ASN B 20 -3.04 -27.78 7.49
C ASN B 20 -2.06 -27.08 6.56
N THR B 21 -2.39 -27.02 5.28
CA THR B 21 -1.51 -26.40 4.26
C THR B 21 -2.21 -25.25 3.55
N LEU B 22 -1.41 -24.27 3.15
CA LEU B 22 -1.89 -23.17 2.35
C LEU B 22 -1.00 -23.01 1.13
N PRO B 23 -1.59 -22.59 -0.01
CA PRO B 23 -0.79 -22.13 -1.15
C PRO B 23 0.10 -20.95 -0.74
N VAL B 24 1.29 -20.84 -1.36
CA VAL B 24 2.27 -19.80 -0.96
C VAL B 24 1.93 -18.44 -1.59
N VAL B 25 0.97 -18.44 -2.52
CA VAL B 25 0.45 -17.19 -3.10
C VAL B 25 -1.11 -17.12 -3.07
N GLY B 26 -1.62 -15.90 -2.93
CA GLY B 26 -3.07 -15.69 -3.00
C GLY B 26 -3.45 -14.32 -3.50
N ILE B 27 -4.75 -14.06 -3.66
CA ILE B 27 -5.27 -12.71 -4.00
C ILE B 27 -6.05 -12.12 -2.86
N GLY B 28 -5.92 -10.81 -2.69
CA GLY B 28 -6.65 -10.06 -1.68
C GLY B 28 -7.70 -9.21 -2.34
N VAL B 29 -8.79 -8.92 -1.64
CA VAL B 29 -9.90 -8.15 -2.27
C VAL B 29 -10.26 -6.91 -1.44
N GLY B 30 -9.28 -6.35 -0.75
CA GLY B 30 -9.53 -5.17 0.09
C GLY B 30 -9.90 -4.00 -0.79
N GLU B 31 -10.79 -3.15 -0.29
CA GLU B 31 -11.19 -1.91 -0.97
CA GLU B 31 -11.21 -1.91 -0.98
C GLU B 31 -11.85 -2.14 -2.35
N LEU B 32 -12.40 -3.33 -2.57
CA LEU B 32 -13.11 -3.61 -3.80
C LEU B 32 -14.61 -3.53 -3.53
N SER B 33 -15.35 -2.92 -4.46
CA SER B 33 -16.81 -2.95 -4.46
C SER B 33 -17.26 -4.41 -4.68
N ASP B 34 -18.53 -4.69 -4.39
CA ASP B 34 -19.14 -6.00 -4.66
C ASP B 34 -18.84 -6.51 -6.08
N SER B 35 -19.05 -5.67 -7.10
CA SER B 35 -18.83 -6.13 -8.49
C SER B 35 -17.34 -6.36 -8.77
N GLU B 36 -16.49 -5.44 -8.32
CA GLU B 36 -15.03 -5.59 -8.47
C GLU B 36 -14.50 -6.84 -7.76
N ALA B 37 -14.98 -7.08 -6.53
CA ALA B 37 -14.59 -8.25 -5.75
C ALA B 37 -14.99 -9.54 -6.47
N GLU B 38 -16.23 -9.60 -6.92
CA GLU B 38 -16.74 -10.79 -7.60
C GLU B 38 -15.97 -11.09 -8.89
N ARG B 39 -15.68 -10.04 -9.66
CA ARG B 39 -14.94 -10.16 -10.93
C ARG B 39 -13.53 -10.65 -10.67
N SER B 40 -12.90 -10.03 -9.69
CA SER B 40 -11.52 -10.30 -9.32
C SER B 40 -11.32 -11.74 -8.85
N VAL B 41 -12.14 -12.20 -7.91
CA VAL B 41 -12.10 -13.57 -7.43
C VAL B 41 -12.35 -14.55 -8.57
N SER B 42 -13.40 -14.29 -9.37
CA SER B 42 -13.71 -15.12 -10.52
C SER B 42 -12.55 -15.24 -11.56
N ALA B 43 -11.91 -14.11 -11.90
CA ALA B 43 -10.66 -14.10 -12.73
C ALA B 43 -9.48 -14.86 -12.12
N ALA B 44 -9.25 -14.65 -10.82
CA ALA B 44 -8.15 -15.27 -10.10
C ALA B 44 -8.32 -16.78 -10.08
N LEU B 45 -9.53 -17.24 -9.77
CA LEU B 45 -9.81 -18.70 -9.75
C LEU B 45 -9.64 -19.32 -11.14
N GLU B 46 -10.12 -18.65 -12.18
CA GLU B 46 -9.93 -19.13 -13.55
C GLU B 46 -8.43 -19.23 -13.89
N ALA B 47 -7.65 -18.22 -13.48
CA ALA B 47 -6.17 -18.18 -13.67
C ALA B 47 -5.38 -19.28 -12.93
N GLY B 48 -5.88 -19.72 -11.78
CA GLY B 48 -5.21 -20.80 -11.04
C GLY B 48 -4.97 -20.50 -9.58
N TYR B 49 -5.39 -19.33 -9.12
CA TYR B 49 -5.33 -18.97 -7.71
C TYR B 49 -6.35 -19.80 -6.96
N ARG B 50 -5.97 -20.20 -5.75
CA ARG B 50 -6.86 -20.95 -4.86
C ARG B 50 -6.99 -20.31 -3.47
N LEU B 51 -6.01 -19.51 -3.08
CA LEU B 51 -6.00 -18.81 -1.82
C LEU B 51 -6.61 -17.41 -2.02
N ILE B 52 -7.70 -17.14 -1.31
CA ILE B 52 -8.49 -15.92 -1.45
C ILE B 52 -8.49 -15.22 -0.10
N ASP B 53 -8.13 -13.94 -0.08
CA ASP B 53 -8.05 -13.27 1.18
C ASP B 53 -9.09 -12.18 1.20
N THR B 54 -10.11 -12.36 2.04
CA THR B 54 -11.12 -11.30 2.28
C THR B 54 -11.19 -10.95 3.78
N ALA B 55 -12.20 -10.18 4.17
CA ALA B 55 -12.35 -9.74 5.57
C ALA B 55 -13.78 -9.25 5.74
N ALA B 56 -14.38 -9.45 6.93
CA ALA B 56 -15.72 -8.92 7.18
C ALA B 56 -15.75 -7.39 7.01
N ALA B 57 -14.65 -6.73 7.37
CA ALA B 57 -14.57 -5.26 7.30
C ALA B 57 -14.62 -4.71 5.89
N TYR B 58 -14.21 -5.51 4.90
CA TYR B 58 -14.30 -5.16 3.48
C TYR B 58 -15.75 -5.01 2.97
N GLY B 59 -16.68 -5.75 3.58
CA GLY B 59 -18.09 -5.68 3.23
C GLY B 59 -18.41 -6.42 1.93
N ASN B 60 -17.47 -7.22 1.42
CA ASN B 60 -17.64 -7.90 0.13
C ASN B 60 -17.60 -9.43 0.19
N GLU B 61 -17.78 -9.99 1.38
CA GLU B 61 -17.83 -11.47 1.54
C GLU B 61 -18.91 -12.14 0.67
N ALA B 62 -20.09 -11.55 0.55
CA ALA B 62 -21.17 -12.16 -0.27
C ALA B 62 -20.76 -12.24 -1.74
N ALA B 63 -20.17 -11.15 -2.24
CA ALA B 63 -19.56 -11.10 -3.57
C ALA B 63 -18.52 -12.20 -3.78
N VAL B 64 -17.60 -12.35 -2.83
CA VAL B 64 -16.57 -13.38 -2.96
CA VAL B 64 -16.56 -13.38 -2.89
C VAL B 64 -17.19 -14.77 -2.95
N GLY B 65 -18.19 -14.99 -2.08
CA GLY B 65 -18.91 -16.28 -2.00
C GLY B 65 -19.58 -16.62 -3.31
N ARG B 66 -20.09 -15.59 -3.99
CA ARG B 66 -20.78 -15.78 -5.28
C ARG B 66 -19.82 -16.25 -6.38
N ALA B 67 -18.67 -15.60 -6.47
CA ALA B 67 -17.62 -16.00 -7.41
C ALA B 67 -17.14 -17.44 -7.14
N ILE B 68 -16.93 -17.78 -5.87
CA ILE B 68 -16.56 -19.16 -5.47
C ILE B 68 -17.61 -20.20 -5.93
N ALA B 69 -18.88 -19.95 -5.60
CA ALA B 69 -19.99 -20.85 -5.94
C ALA B 69 -20.17 -21.03 -7.46
N ALA B 70 -19.93 -19.96 -8.22
CA ALA B 70 -20.05 -20.02 -9.69
C ALA B 70 -18.82 -20.61 -10.41
N SER B 71 -17.72 -20.82 -9.67
CA SER B 71 -16.42 -21.16 -10.24
C SER B 71 -16.36 -22.61 -10.74
N GLY B 72 -17.23 -23.46 -10.22
CA GLY B 72 -17.19 -24.88 -10.54
C GLY B 72 -15.93 -25.62 -10.11
N ILE B 73 -15.16 -25.03 -9.18
CA ILE B 73 -13.97 -25.67 -8.61
C ILE B 73 -14.36 -26.38 -7.31
N PRO B 74 -13.88 -27.63 -7.09
CA PRO B 74 -14.27 -28.26 -5.83
C PRO B 74 -13.85 -27.46 -4.58
N ARG B 75 -14.75 -27.41 -3.59
CA ARG B 75 -14.56 -26.63 -2.35
C ARG B 75 -13.23 -26.97 -1.70
N ASP B 76 -12.89 -28.26 -1.66
CA ASP B 76 -11.64 -28.68 -1.00
C ASP B 76 -10.33 -28.29 -1.70
N GLU B 77 -10.42 -27.65 -2.87
CA GLU B 77 -9.23 -27.12 -3.57
C GLU B 77 -9.06 -25.60 -3.41
N ILE B 78 -10.04 -24.98 -2.74
CA ILE B 78 -10.04 -23.53 -2.51
C ILE B 78 -9.73 -23.26 -1.03
N TYR B 79 -8.99 -22.19 -0.78
CA TYR B 79 -8.50 -21.84 0.57
C TYR B 79 -8.99 -20.43 0.85
N VAL B 80 -10.07 -20.39 1.61
CA VAL B 80 -10.75 -19.12 1.87
C VAL B 80 -10.29 -18.59 3.21
N THR B 81 -9.76 -17.38 3.17
CA THR B 81 -9.42 -16.63 4.38
C THR B 81 -10.40 -15.48 4.58
N THR B 82 -10.95 -15.39 5.79
CA THR B 82 -11.60 -14.15 6.21
C THR B 82 -11.17 -13.72 7.63
N LYS B 83 -11.73 -12.61 8.11
CA LYS B 83 -11.22 -11.95 9.29
C LYS B 83 -12.34 -11.40 10.14
N LEU B 84 -12.09 -11.42 11.44
CA LEU B 84 -12.93 -10.80 12.43
C LEU B 84 -12.87 -9.27 12.26
N ALA B 85 -14.04 -8.64 12.12
CA ALA B 85 -14.11 -7.19 12.04
C ALA B 85 -13.91 -6.63 13.44
N THR B 86 -13.25 -5.50 13.52
CA THR B 86 -12.91 -4.90 14.80
C THR B 86 -14.12 -4.64 15.73
N PRO B 87 -15.26 -4.16 15.19
CA PRO B 87 -16.44 -4.05 16.06
C PRO B 87 -16.90 -5.33 16.74
N ASP B 88 -16.52 -6.49 16.20
CA ASP B 88 -16.94 -7.80 16.72
C ASP B 88 -15.94 -8.52 17.65
N GLN B 89 -14.89 -7.80 18.05
CA GLN B 89 -13.86 -8.37 18.94
C GLN B 89 -14.48 -8.78 20.26
N GLY B 90 -13.98 -9.89 20.80
CA GLY B 90 -14.42 -10.40 22.12
C GLY B 90 -14.53 -11.91 22.03
N PHE B 91 -14.72 -12.53 23.19
CA PHE B 91 -14.73 -13.99 23.31
C PHE B 91 -16.01 -14.57 22.69
N THR B 92 -17.15 -14.15 23.25
CA THR B 92 -18.45 -14.60 22.76
C THR B 92 -18.76 -14.05 21.34
N SER B 93 -18.48 -12.76 21.13
CA SER B 93 -18.87 -12.04 19.91
C SER B 93 -18.10 -12.56 18.69
N SER B 94 -16.82 -12.92 18.87
CA SER B 94 -16.00 -13.45 17.74
C SER B 94 -16.58 -14.76 17.19
N GLN B 95 -17.10 -15.60 18.08
CA GLN B 95 -17.64 -16.91 17.68
C GLN B 95 -18.90 -16.70 16.83
N ALA B 96 -19.70 -15.69 17.16
CA ALA B 96 -20.90 -15.35 16.36
C ALA B 96 -20.51 -14.69 15.04
N ALA B 97 -19.47 -13.86 15.09
CA ALA B 97 -18.96 -13.14 13.92
C ALA B 97 -18.45 -14.09 12.84
N ALA B 98 -17.71 -15.13 13.25
CA ALA B 98 -17.19 -16.13 12.31
C ALA B 98 -18.36 -16.83 11.60
N ARG B 99 -19.40 -17.15 12.36
CA ARG B 99 -20.60 -17.78 11.81
C ARG B 99 -21.37 -16.87 10.84
N ALA B 100 -21.43 -15.58 11.16
CA ALA B 100 -22.06 -14.58 10.32
C ALA B 100 -21.31 -14.47 8.99
N SER B 101 -19.98 -14.50 9.05
CA SER B 101 -19.13 -14.49 7.83
C SER B 101 -19.44 -15.71 6.93
N LEU B 102 -19.53 -16.89 7.54
CA LEU B 102 -19.91 -18.10 6.78
C LEU B 102 -21.21 -17.90 6.04
N GLU B 103 -22.21 -17.33 6.71
CA GLU B 103 -23.53 -17.13 6.06
C GLU B 103 -23.40 -16.19 4.86
N ARG B 104 -22.63 -15.12 5.00
CA ARG B 104 -22.43 -14.20 3.88
C ARG B 104 -21.67 -14.86 2.72
N LEU B 105 -20.63 -15.63 3.04
CA LEU B 105 -19.84 -16.37 2.06
C LEU B 105 -20.56 -17.56 1.43
N GLY B 106 -21.64 -18.04 2.05
CA GLY B 106 -22.36 -19.21 1.56
C GLY B 106 -21.53 -20.46 1.70
N LEU B 107 -20.73 -20.52 2.77
CA LEU B 107 -19.82 -21.64 3.02
C LEU B 107 -20.11 -22.30 4.35
N ASP B 108 -19.70 -23.56 4.49
CA ASP B 108 -19.85 -24.32 5.73
C ASP B 108 -18.63 -24.21 6.68
N TYR B 109 -17.51 -23.70 6.14
CA TYR B 109 -16.26 -23.54 6.88
C TYR B 109 -15.40 -22.58 6.08
N VAL B 110 -14.49 -21.91 6.78
CA VAL B 110 -13.43 -21.20 6.09
C VAL B 110 -12.12 -21.92 6.43
N ASP B 111 -11.14 -21.78 5.55
CA ASP B 111 -9.83 -22.41 5.74
C ASP B 111 -8.93 -21.71 6.76
N LEU B 112 -9.04 -20.38 6.81
CA LEU B 112 -8.23 -19.57 7.70
C LEU B 112 -9.10 -18.39 8.17
N TYR B 113 -9.14 -18.17 9.49
CA TYR B 113 -9.86 -17.07 10.08
C TYR B 113 -8.93 -16.28 11.00
N LEU B 114 -8.90 -14.95 10.78
CA LEU B 114 -7.87 -14.09 11.43
C LEU B 114 -8.49 -12.98 12.31
N ILE B 115 -7.87 -12.70 13.44
CA ILE B 115 -8.06 -11.40 14.10
C ILE B 115 -7.41 -10.36 13.19
N HIS B 116 -8.12 -9.26 12.95
CA HIS B 116 -7.66 -8.26 11.99
C HIS B 116 -6.61 -7.31 12.62
N TRP B 117 -6.81 -6.99 13.90
CA TRP B 117 -5.88 -6.09 14.62
C TRP B 117 -5.87 -6.45 16.09
N PRO B 118 -4.69 -6.39 16.74
CA PRO B 118 -4.76 -6.56 18.19
C PRO B 118 -5.45 -5.40 18.93
N GLY B 119 -5.12 -4.16 18.60
CA GLY B 119 -5.57 -3.04 19.42
C GLY B 119 -4.79 -2.90 20.73
N GLY B 120 -4.95 -1.74 21.38
CA GLY B 120 -4.24 -1.43 22.64
C GLY B 120 -4.86 -1.99 23.91
N ASP B 121 -6.09 -2.52 23.78
CA ASP B 121 -6.80 -3.20 24.85
C ASP B 121 -6.42 -4.67 24.81
N THR B 122 -5.47 -5.08 25.66
CA THR B 122 -4.99 -6.46 25.63
CA THR B 122 -4.99 -6.46 25.66
C THR B 122 -6.11 -7.47 25.91
N SER B 123 -6.97 -7.18 26.88
CA SER B 123 -8.07 -8.07 27.22
C SER B 123 -8.96 -8.42 26.01
N LYS B 124 -9.29 -7.44 25.16
CA LYS B 124 -10.12 -7.69 23.96
C LYS B 124 -9.53 -8.68 22.95
N TYR B 125 -8.24 -8.55 22.66
CA TYR B 125 -7.64 -9.46 21.67
C TYR B 125 -7.36 -10.82 22.26
N VAL B 126 -7.04 -10.88 23.55
CA VAL B 126 -6.90 -12.14 24.29
C VAL B 126 -8.25 -12.91 24.24
N ASP B 127 -9.33 -12.23 24.59
CA ASP B 127 -10.68 -12.80 24.46
C ASP B 127 -11.00 -13.23 23.02
N SER B 128 -10.73 -12.36 22.06
CA SER B 128 -10.94 -12.70 20.64
C SER B 128 -10.22 -14.01 20.28
N TRP B 129 -8.99 -14.19 20.78
CA TRP B 129 -8.20 -15.39 20.48
C TRP B 129 -8.79 -16.66 21.10
N GLY B 130 -9.26 -16.56 22.36
CA GLY B 130 -9.99 -17.64 23.00
C GLY B 130 -11.24 -18.02 22.22
N GLY B 131 -11.93 -17.01 21.69
CA GLY B 131 -13.10 -17.21 20.79
C GLY B 131 -12.73 -17.93 19.50
N LEU B 132 -11.66 -17.48 18.86
CA LEU B 132 -11.18 -18.14 17.64
C LEU B 132 -10.73 -19.57 17.90
N MET B 133 -10.19 -19.86 19.09
CA MET B 133 -9.89 -21.24 19.48
C MET B 133 -11.15 -22.13 19.45
N LYS B 134 -12.26 -21.59 19.97
CA LYS B 134 -13.56 -22.28 19.93
C LYS B 134 -14.04 -22.47 18.49
N VAL B 135 -13.84 -21.43 17.69
CA VAL B 135 -14.16 -21.45 16.26
C VAL B 135 -13.45 -22.60 15.51
N LYS B 136 -12.16 -22.80 15.78
CA LYS B 136 -11.42 -23.93 15.21
C LYS B 136 -11.93 -25.27 15.75
N GLU B 137 -12.12 -25.36 17.07
CA GLU B 137 -12.63 -26.56 17.74
C GLU B 137 -13.94 -27.03 17.13
N ASP B 138 -14.80 -26.05 16.83
CA ASP B 138 -16.14 -26.26 16.27
C ASP B 138 -16.17 -26.59 14.77
N GLY B 139 -15.02 -26.52 14.10
CA GLY B 139 -14.92 -26.81 12.66
C GLY B 139 -15.29 -25.65 11.77
N ILE B 140 -15.60 -24.52 12.38
CA ILE B 140 -16.02 -23.31 11.66
C ILE B 140 -14.86 -22.77 10.83
N ALA B 141 -13.65 -22.80 11.41
CA ALA B 141 -12.41 -22.51 10.69
C ALA B 141 -11.42 -23.66 10.80
N ARG B 142 -10.79 -24.01 9.67
CA ARG B 142 -9.79 -25.08 9.66
C ARG B 142 -8.53 -24.64 10.45
N SER B 143 -8.10 -23.40 10.22
CA SER B 143 -6.96 -22.82 10.92
C SER B 143 -7.32 -21.42 11.42
N ILE B 144 -6.61 -20.99 12.47
CA ILE B 144 -6.82 -19.64 13.02
C ILE B 144 -5.50 -18.89 13.16
N GLY B 145 -5.59 -17.57 12.99
CA GLY B 145 -4.42 -16.75 13.10
C GLY B 145 -4.74 -15.29 13.32
N VAL B 146 -3.72 -14.46 13.12
CA VAL B 146 -3.78 -13.04 13.44
C VAL B 146 -3.19 -12.13 12.34
N CYS B 147 -3.43 -10.82 12.45
CA CYS B 147 -2.81 -9.85 11.54
C CYS B 147 -2.17 -8.81 12.43
N ASN B 148 -0.97 -8.38 12.06
CA ASN B 148 -0.32 -7.25 12.73
C ASN B 148 -0.17 -7.40 14.23
N PHE B 149 0.17 -8.62 14.67
CA PHE B 149 0.59 -8.83 16.06
C PHE B 149 2.13 -8.64 16.17
N GLY B 150 2.57 -7.84 17.13
CA GLY B 150 4.01 -7.64 17.40
C GLY B 150 4.45 -8.72 18.36
N ALA B 151 5.74 -8.74 18.70
CA ALA B 151 6.28 -9.73 19.65
C ALA B 151 5.51 -9.81 21.00
N GLU B 152 5.27 -8.65 21.60
CA GLU B 152 4.54 -8.55 22.87
C GLU B 152 3.10 -9.09 22.80
N ASP B 153 2.39 -8.80 21.70
CA ASP B 153 1.04 -9.31 21.43
C ASP B 153 1.05 -10.84 21.33
N LEU B 154 2.00 -11.38 20.59
CA LEU B 154 2.16 -12.82 20.47
C LEU B 154 2.50 -13.49 21.81
N GLU B 155 3.44 -12.91 22.56
CA GLU B 155 3.84 -13.44 23.87
C GLU B 155 2.63 -13.52 24.80
N THR B 156 1.77 -12.51 24.70
CA THR B 156 0.58 -12.38 25.52
C THR B 156 -0.43 -13.53 25.20
N ILE B 157 -0.80 -13.68 23.95
CA ILE B 157 -1.75 -14.77 23.62
C ILE B 157 -1.15 -16.18 23.87
N VAL B 158 0.12 -16.38 23.54
CA VAL B 158 0.78 -17.66 23.82
C VAL B 158 0.83 -17.94 25.32
N SER B 159 1.17 -16.93 26.12
CA SER B 159 1.34 -17.20 27.55
C SER B 159 0.00 -17.37 28.29
N LEU B 160 -1.06 -16.72 27.79
CA LEU B 160 -2.34 -16.68 28.50
C LEU B 160 -3.34 -17.72 27.99
N THR B 161 -3.14 -18.18 26.74
CA THR B 161 -4.03 -19.18 26.11
C THR B 161 -3.37 -20.49 25.74
N TYR B 162 -2.04 -20.49 25.64
CA TYR B 162 -1.23 -21.66 25.27
C TYR B 162 -1.50 -22.18 23.85
N PHE B 163 -2.17 -21.38 23.03
CA PHE B 163 -2.44 -21.77 21.64
C PHE B 163 -1.82 -20.77 20.67
N THR B 164 -0.95 -21.26 19.80
CA THR B 164 -0.16 -20.38 18.92
C THR B 164 -0.86 -20.19 17.58
N PRO B 165 -0.96 -18.92 17.10
CA PRO B 165 -1.53 -18.64 15.75
C PRO B 165 -0.88 -19.49 14.61
N ALA B 166 -1.64 -19.86 13.58
CA ALA B 166 -1.00 -20.49 12.41
C ALA B 166 -0.25 -19.48 11.53
N VAL B 167 -0.77 -18.26 11.49
CA VAL B 167 -0.34 -17.22 10.56
C VAL B 167 -0.36 -15.88 11.28
N ASN B 168 0.59 -15.01 10.89
CA ASN B 168 0.60 -13.60 11.26
C ASN B 168 0.72 -12.77 9.99
N GLN B 169 -0.38 -12.10 9.65
CA GLN B 169 -0.49 -11.34 8.38
C GLN B 169 0.00 -9.89 8.56
N ILE B 170 0.98 -9.47 7.78
CA ILE B 170 1.63 -8.15 7.98
C ILE B 170 1.99 -7.50 6.62
N GLU B 171 2.09 -6.17 6.60
CA GLU B 171 2.57 -5.49 5.39
C GLU B 171 4.04 -5.80 5.26
N LEU B 172 4.47 -6.25 4.08
CA LEU B 172 5.86 -6.66 3.91
C LEU B 172 6.28 -6.50 2.46
N HIS B 173 7.36 -5.76 2.25
CA HIS B 173 7.97 -5.57 0.92
C HIS B 173 9.44 -5.16 1.15
N PRO B 174 10.26 -5.16 0.09
CA PRO B 174 11.69 -4.86 0.35
C PRO B 174 11.98 -3.52 1.06
N LEU B 175 11.05 -2.55 1.08
CA LEU B 175 11.30 -1.34 1.87
C LEU B 175 10.76 -1.45 3.28
N LEU B 176 10.17 -2.59 3.57
CA LEU B 176 9.57 -2.88 4.89
C LEU B 176 9.63 -4.39 5.04
N ASN B 177 10.84 -4.90 5.26
CA ASN B 177 11.02 -6.34 5.08
C ASN B 177 10.63 -7.17 6.28
N GLN B 178 10.41 -6.51 7.43
CA GLN B 178 9.87 -7.16 8.62
C GLN B 178 10.79 -8.29 9.12
N ALA B 179 12.10 -8.12 8.92
CA ALA B 179 13.09 -9.11 9.38
C ALA B 179 12.91 -9.45 10.86
N ALA B 180 12.77 -8.42 11.70
CA ALA B 180 12.62 -8.65 13.15
C ALA B 180 11.39 -9.51 13.50
N LEU B 181 10.24 -9.13 12.96
CA LEU B 181 9.00 -9.83 13.22
C LEU B 181 8.96 -11.22 12.60
N ARG B 182 9.61 -11.38 11.45
CA ARG B 182 9.70 -12.73 10.84
C ARG B 182 10.49 -13.66 11.76
N GLU B 183 11.52 -13.15 12.41
CA GLU B 183 12.28 -13.96 13.39
C GLU B 183 11.40 -14.43 14.54
N VAL B 184 10.62 -13.49 15.07
CA VAL B 184 9.67 -13.78 16.14
C VAL B 184 8.65 -14.81 15.67
N ASN B 185 8.01 -14.53 14.53
CA ASN B 185 7.07 -15.49 13.92
C ASN B 185 7.62 -16.91 13.79
N ALA B 186 8.76 -17.04 13.10
CA ALA B 186 9.43 -18.33 12.88
C ALA B 186 9.81 -19.01 14.18
N GLY B 187 10.18 -18.21 15.19
CA GLY B 187 10.50 -18.76 16.50
C GLY B 187 9.33 -19.48 17.15
N TYR B 188 8.11 -19.03 16.86
CA TYR B 188 6.89 -19.64 17.35
C TYR B 188 6.26 -20.65 16.36
N ASN B 189 6.98 -20.96 15.27
CA ASN B 189 6.41 -21.74 14.16
C ASN B 189 5.11 -21.18 13.57
N ILE B 190 5.09 -19.85 13.51
CA ILE B 190 4.02 -19.11 12.87
C ILE B 190 4.45 -18.70 11.47
N VAL B 191 3.56 -18.91 10.50
CA VAL B 191 3.84 -18.52 9.12
C VAL B 191 3.61 -17.03 8.92
N THR B 192 4.56 -16.36 8.28
CA THR B 192 4.38 -14.96 7.90
C THR B 192 3.62 -14.85 6.59
N GLU B 193 2.48 -14.15 6.64
CA GLU B 193 1.78 -13.80 5.42
C GLU B 193 1.99 -12.30 5.08
N ALA B 194 2.59 -12.07 3.92
CA ALA B 194 2.85 -10.71 3.43
C ALA B 194 1.69 -10.13 2.58
N TYR B 195 1.30 -8.88 2.88
CA TYR B 195 0.43 -8.12 1.95
C TYR B 195 1.13 -6.80 1.57
N GLY B 196 0.63 -6.10 0.54
CA GLY B 196 1.30 -4.91 0.00
C GLY B 196 2.72 -5.24 -0.56
N PRO B 197 2.88 -6.38 -1.28
CA PRO B 197 4.24 -6.82 -1.73
C PRO B 197 4.91 -5.86 -2.74
N LEU B 198 4.13 -4.93 -3.32
CA LEU B 198 4.69 -4.00 -4.29
C LEU B 198 4.96 -2.58 -3.75
N GLY B 199 4.77 -2.34 -2.45
CA GLY B 199 5.08 -1.00 -1.88
C GLY B 199 4.28 0.13 -2.52
N VAL B 200 2.97 -0.11 -2.67
CA VAL B 200 2.06 0.91 -3.24
C VAL B 200 2.45 1.24 -4.69
N GLY B 201 2.98 0.22 -5.37
CA GLY B 201 3.36 0.31 -6.76
C GLY B 201 4.76 0.83 -7.02
N ARG B 202 5.37 1.49 -6.02
CA ARG B 202 6.68 2.16 -6.23
C ARG B 202 7.85 1.24 -6.56
N LEU B 203 7.83 0.03 -5.98
CA LEU B 203 8.97 -0.90 -6.10
CA LEU B 203 8.94 -0.93 -6.09
C LEU B 203 9.07 -1.50 -7.49
N LEU B 204 8.01 -1.36 -8.28
CA LEU B 204 8.04 -1.82 -9.69
C LEU B 204 9.08 -1.05 -10.51
N ASP B 205 9.42 0.16 -10.07
CA ASP B 205 10.48 0.97 -10.75
C ASP B 205 11.78 1.08 -9.92
N HIS B 206 11.90 0.31 -8.84
CA HIS B 206 13.13 0.34 -8.08
C HIS B 206 14.32 -0.22 -8.92
N PRO B 207 15.45 0.54 -9.03
CA PRO B 207 16.59 0.11 -9.87
C PRO B 207 17.09 -1.30 -9.56
N ALA B 208 17.13 -1.68 -8.28
CA ALA B 208 17.56 -3.05 -7.95
C ALA B 208 16.59 -4.12 -8.42
N VAL B 209 15.29 -3.85 -8.31
CA VAL B 209 14.23 -4.77 -8.75
C VAL B 209 14.27 -4.94 -10.27
N THR B 210 14.39 -3.81 -10.97
CA THR B 210 14.43 -3.82 -12.43
C THR B 210 15.67 -4.55 -13.00
N ALA B 211 16.83 -4.42 -12.33
CA ALA B 211 18.05 -5.10 -12.75
C ALA B 211 17.87 -6.62 -12.65
N ILE B 212 17.27 -7.06 -11.54
CA ILE B 212 17.07 -8.49 -11.29
C ILE B 212 16.02 -9.08 -12.23
N ALA B 213 14.98 -8.29 -12.52
CA ALA B 213 13.93 -8.70 -13.45
C ALA B 213 14.53 -8.91 -14.82
N GLU B 214 15.36 -7.96 -15.24
CA GLU B 214 16.02 -8.02 -16.55
CA GLU B 214 15.97 -8.01 -16.54
C GLU B 214 16.95 -9.22 -16.64
N ALA B 215 17.61 -9.56 -15.53
CA ALA B 215 18.56 -10.70 -15.50
C ALA B 215 17.82 -12.01 -15.74
N HIS B 216 16.57 -12.07 -15.24
CA HIS B 216 15.74 -13.27 -15.32
C HIS B 216 14.75 -13.28 -16.48
N GLY B 217 14.60 -12.15 -17.17
CA GLY B 217 13.57 -12.00 -18.19
C GLY B 217 12.18 -12.12 -17.58
N ARG B 218 12.01 -11.55 -16.39
CA ARG B 218 10.72 -11.56 -15.67
C ARG B 218 10.27 -10.13 -15.40
N THR B 219 9.00 -9.96 -15.00
CA THR B 219 8.48 -8.64 -14.63
C THR B 219 8.98 -8.24 -13.25
N ALA B 220 9.02 -6.94 -12.99
CA ALA B 220 9.36 -6.41 -11.65
C ALA B 220 8.44 -7.01 -10.57
N ALA B 221 7.13 -7.11 -10.87
CA ALA B 221 6.17 -7.68 -9.91
C ALA B 221 6.54 -9.13 -9.60
N GLN B 222 6.90 -9.90 -10.63
CA GLN B 222 7.35 -11.29 -10.43
C GLN B 222 8.55 -11.41 -9.52
N VAL B 223 9.53 -10.53 -9.71
CA VAL B 223 10.69 -10.52 -8.83
C VAL B 223 10.26 -10.23 -7.37
N LEU B 224 9.40 -9.23 -7.19
CA LEU B 224 8.96 -8.80 -5.85
C LEU B 224 8.27 -9.95 -5.12
N LEU B 225 7.41 -10.62 -5.85
CA LEU B 225 6.70 -11.78 -5.33
C LEU B 225 7.63 -12.98 -5.04
N ARG B 226 8.54 -13.28 -5.97
CA ARG B 226 9.46 -14.40 -5.81
C ARG B 226 10.35 -14.18 -4.58
N TRP B 227 10.83 -12.96 -4.36
CA TRP B 227 11.62 -12.64 -3.19
C TRP B 227 10.89 -12.99 -1.89
N SER B 228 9.66 -12.49 -1.78
CA SER B 228 8.81 -12.75 -0.64
C SER B 228 8.58 -14.26 -0.45
N ILE B 229 8.32 -14.98 -1.54
CA ILE B 229 8.20 -16.46 -1.45
C ILE B 229 9.50 -17.08 -0.90
N GLN B 230 10.65 -16.62 -1.40
CA GLN B 230 11.93 -17.17 -0.94
C GLN B 230 12.30 -16.79 0.50
N LEU B 231 11.66 -15.75 1.03
CA LEU B 231 11.72 -15.46 2.49
C LEU B 231 10.94 -16.48 3.34
N GLY B 232 10.12 -17.32 2.70
CA GLY B 232 9.30 -18.30 3.42
C GLY B 232 7.87 -17.81 3.66
N ASN B 233 7.55 -16.64 3.09
CA ASN B 233 6.24 -16.02 3.23
C ASN B 233 5.17 -16.66 2.38
N VAL B 234 3.92 -16.56 2.84
CA VAL B 234 2.75 -16.67 1.96
C VAL B 234 2.53 -15.22 1.47
N VAL B 235 2.36 -15.00 0.16
CA VAL B 235 2.35 -13.63 -0.38
C VAL B 235 0.99 -13.39 -1.04
N ILE B 236 0.32 -12.33 -0.60
CA ILE B 236 -1.00 -11.93 -1.10
C ILE B 236 -0.85 -10.71 -2.01
N SER B 237 -1.29 -10.85 -3.25
CA SER B 237 -1.32 -9.77 -4.21
C SER B 237 -2.70 -9.10 -4.16
N ARG B 238 -2.70 -7.76 -4.15
CA ARG B 238 -3.94 -7.02 -4.35
C ARG B 238 -4.48 -7.30 -5.76
N SER B 239 -5.75 -7.09 -5.95
CA SER B 239 -6.31 -7.10 -7.30
C SER B 239 -5.98 -5.74 -7.99
N ALA B 240 -5.90 -5.64 -9.32
CA ALA B 240 -5.30 -6.60 -10.30
C ALA B 240 -6.07 -6.43 -11.63
N ASN B 241 -5.74 -7.26 -12.62
CA ASN B 241 -6.51 -7.34 -13.88
C ASN B 241 -6.18 -8.70 -14.48
N PRO B 242 -7.14 -9.33 -15.21
CA PRO B 242 -6.88 -10.68 -15.76
C PRO B 242 -5.45 -10.93 -16.27
N GLU B 243 -4.91 -9.99 -17.03
CA GLU B 243 -3.55 -10.12 -17.59
C GLU B 243 -2.43 -10.15 -16.54
N ARG B 244 -2.48 -9.21 -15.59
CA ARG B 244 -1.50 -9.13 -14.50
C ARG B 244 -1.62 -10.27 -13.48
N ILE B 245 -2.86 -10.70 -13.23
CA ILE B 245 -3.16 -11.82 -12.33
C ILE B 245 -2.43 -13.10 -12.77
N ALA B 246 -2.55 -13.41 -14.07
CA ALA B 246 -1.90 -14.58 -14.65
C ALA B 246 -0.39 -14.44 -14.57
N SER B 247 0.09 -13.24 -14.85
CA SER B 247 1.51 -12.92 -14.78
C SER B 247 2.06 -13.14 -13.37
N ASN B 248 1.37 -12.58 -12.36
CA ASN B 248 1.79 -12.73 -10.95
C ASN B 248 1.88 -14.14 -10.43
N LEU B 249 0.97 -14.99 -10.91
CA LEU B 249 0.93 -16.38 -10.52
C LEU B 249 2.14 -17.18 -11.09
N ASP B 250 2.68 -16.70 -12.21
CA ASP B 250 3.79 -17.34 -12.89
C ASP B 250 5.16 -17.03 -12.24
N VAL B 251 5.31 -17.45 -10.97
CA VAL B 251 6.53 -17.13 -10.21
C VAL B 251 7.24 -18.39 -9.68
N PHE B 252 6.97 -19.52 -10.31
CA PHE B 252 7.53 -20.80 -9.89
C PHE B 252 8.45 -21.43 -10.95
N GLY B 253 8.72 -20.68 -12.02
CA GLY B 253 9.63 -21.13 -13.09
C GLY B 253 11.02 -20.50 -13.01
N PHE B 254 11.28 -19.76 -11.94
CA PHE B 254 12.61 -19.17 -11.74
C PHE B 254 12.83 -19.02 -10.25
N GLU B 255 14.10 -18.89 -9.86
CA GLU B 255 14.51 -18.57 -8.49
C GLU B 255 15.52 -17.44 -8.54
N LEU B 256 15.51 -16.64 -7.49
CA LEU B 256 16.48 -15.59 -7.30
C LEU B 256 17.71 -16.19 -6.65
N THR B 257 18.89 -15.70 -7.04
CA THR B 257 20.17 -16.19 -6.48
C THR B 257 20.37 -15.63 -5.06
N ALA B 258 21.33 -16.21 -4.33
CA ALA B 258 21.69 -15.71 -3.01
C ALA B 258 22.05 -14.21 -3.08
N ASP B 259 22.87 -13.84 -4.07
CA ASP B 259 23.25 -12.43 -4.23
C ASP B 259 22.07 -11.53 -4.53
N GLU B 260 21.14 -12.02 -5.36
CA GLU B 260 19.93 -11.25 -5.68
C GLU B 260 19.11 -11.07 -4.43
N MET B 261 19.00 -12.12 -3.61
CA MET B 261 18.29 -12.06 -2.34
C MET B 261 18.95 -11.05 -1.42
N GLU B 262 20.27 -11.08 -1.35
CA GLU B 262 21.03 -10.16 -0.50
C GLU B 262 20.78 -8.70 -0.91
N THR B 263 20.79 -8.42 -2.21
CA THR B 263 20.49 -7.09 -2.72
C THR B 263 19.12 -6.59 -2.29
N LEU B 264 18.09 -7.41 -2.53
CA LEU B 264 16.72 -7.02 -2.18
C LEU B 264 16.54 -6.91 -0.66
N ASN B 265 17.22 -7.81 0.07
CA ASN B 265 17.30 -7.79 1.54
C ASN B 265 17.98 -6.54 2.10
N GLY B 266 18.81 -5.86 1.31
CA GLY B 266 19.52 -4.66 1.78
C GLY B 266 18.79 -3.36 1.54
N LEU B 267 17.59 -3.42 0.95
CA LEU B 267 16.82 -2.20 0.65
C LEU B 267 16.14 -1.62 1.89
N ASP B 268 15.97 -2.44 2.92
CA ASP B 268 15.42 -1.98 4.20
C ASP B 268 16.52 -2.01 5.28
#